data_5B1R
#
_entry.id   5B1R
#
_cell.length_a   65.472
_cell.length_b   65.472
_cell.length_c   61.220
_cell.angle_alpha   90.00
_cell.angle_beta   90.00
_cell.angle_gamma   120.00
#
_symmetry.space_group_name_H-M   'P 61'
#
loop_
_entity.id
_entity.type
_entity.pdbx_description
1 polymer 'B-cell differentiation antigen CD72'
2 non-polymer 'ACETATE ION'
3 non-polymer GLYCEROL
4 water water
#
_entity_poly.entity_id   1
_entity_poly.type   'polypeptide(L)'
_entity_poly.pdbx_seq_one_letter_code
;GSHMCPSGWIPYQERCFYISHTLRSLEESQKYCTSLSSKLAAFDEPSKYYYEVSLPSGLEELLDRSKSYWIQMSKKWRHD
YDSQSRYCDKIKKYYQKWKRTFSECAELHPSICESEAFRFPDGIHLN
;
_entity_poly.pdbx_strand_id   A
#
loop_
_chem_comp.id
_chem_comp.type
_chem_comp.name
_chem_comp.formula
ACT non-polymer 'ACETATE ION' 'C2 H3 O2 -1'
GOL non-polymer GLYCEROL 'C3 H8 O3'
#
# COMPACT_ATOMS: atom_id res chain seq x y z
N SER A 2 -24.45 3.48 -0.45
CA SER A 2 -23.16 3.16 0.16
C SER A 2 -22.01 3.30 -0.84
N HIS A 3 -20.85 2.73 -0.51
CA HIS A 3 -19.67 2.81 -1.36
C HIS A 3 -19.38 1.43 -1.91
N MET A 4 -18.89 1.39 -3.15
CA MET A 4 -18.54 0.14 -3.79
C MET A 4 -17.22 0.24 -4.52
N CYS A 5 -16.66 -0.91 -4.86
CA CYS A 5 -15.44 -0.99 -5.66
C CYS A 5 -15.65 -1.88 -6.86
N PRO A 6 -14.86 -1.68 -7.92
CA PRO A 6 -15.01 -2.55 -9.09
C PRO A 6 -14.43 -3.95 -8.83
N SER A 7 -14.76 -4.86 -9.73
CA SER A 7 -14.25 -6.22 -9.71
C SER A 7 -12.73 -6.26 -9.50
N GLY A 8 -12.28 -7.09 -8.57
CA GLY A 8 -10.86 -7.26 -8.35
C GLY A 8 -10.20 -6.22 -7.46
N TRP A 9 -10.97 -5.27 -6.96
CA TRP A 9 -10.48 -4.28 -6.00
C TRP A 9 -11.04 -4.62 -4.63
N ILE A 10 -10.28 -4.31 -3.60
CA ILE A 10 -10.62 -4.69 -2.25
C ILE A 10 -11.20 -3.49 -1.52
N PRO A 11 -12.47 -3.58 -1.06
CA PRO A 11 -13.12 -2.40 -0.49
C PRO A 11 -12.76 -2.18 0.97
N TYR A 12 -12.64 -0.91 1.37
CA TYR A 12 -12.49 -0.58 2.78
C TYR A 12 -12.91 0.86 2.95
N GLN A 13 -13.81 1.14 3.89
N GLN A 13 -14.01 1.05 3.69
CA GLN A 13 -14.16 2.54 4.15
CA GLN A 13 -14.60 2.37 3.91
C GLN A 13 -14.71 3.13 2.84
C GLN A 13 -14.82 3.12 2.61
N GLU A 14 -14.18 4.28 2.42
CA GLU A 14 -14.46 4.97 1.15
C GLU A 14 -13.35 4.78 0.13
N ARG A 15 -12.63 3.65 0.25
CA ARG A 15 -11.47 3.36 -0.58
C ARG A 15 -11.58 1.99 -1.23
N CYS A 16 -10.74 1.78 -2.24
CA CYS A 16 -10.58 0.51 -2.92
C CYS A 16 -9.09 0.27 -3.11
N PHE A 17 -8.63 -0.94 -2.81
CA PHE A 17 -7.23 -1.30 -3.01
C PHE A 17 -7.07 -2.22 -4.21
N TYR A 18 -5.95 -2.04 -4.91
CA TYR A 18 -5.58 -2.89 -6.01
C TYR A 18 -4.17 -3.42 -5.76
N ILE A 19 -4.03 -4.74 -5.68
CA ILE A 19 -2.71 -5.33 -5.54
C ILE A 19 -2.12 -5.55 -6.93
N SER A 20 -0.99 -4.91 -7.21
CA SER A 20 -0.27 -5.17 -8.45
C SER A 20 0.89 -6.12 -8.17
N HIS A 21 0.81 -7.32 -8.73
CA HIS A 21 1.84 -8.33 -8.49
C HIS A 21 3.12 -8.06 -9.30
N THR A 22 3.01 -7.19 -10.29
CA THR A 22 4.13 -6.87 -11.19
C THR A 22 5.27 -6.24 -10.41
N LEU A 23 6.47 -6.75 -10.62
CA LEU A 23 7.64 -6.23 -9.93
C LEU A 23 8.08 -4.91 -10.55
N ARG A 24 8.17 -3.86 -9.74
CA ARG A 24 8.61 -2.55 -10.20
C ARG A 24 9.39 -1.83 -9.10
N SER A 25 10.17 -0.84 -9.49
CA SER A 25 10.72 0.11 -8.53
C SER A 25 9.59 0.91 -7.88
N LEU A 26 9.93 1.66 -6.84
CA LEU A 26 8.91 2.51 -6.23
C LEU A 26 8.37 3.50 -7.25
N GLU A 27 9.27 4.18 -7.95
CA GLU A 27 8.86 5.21 -8.90
C GLU A 27 7.96 4.62 -9.97
N GLU A 28 8.31 3.43 -10.48
CA GLU A 28 7.47 2.84 -11.52
C GLU A 28 6.14 2.35 -10.95
N SER A 29 6.14 1.91 -9.68
CA SER A 29 4.89 1.55 -9.01
C SER A 29 3.99 2.78 -8.85
N GLN A 30 4.57 3.90 -8.44
CA GLN A 30 3.82 5.15 -8.34
C GLN A 30 3.22 5.56 -9.68
N LYS A 31 4.01 5.47 -10.74
CA LYS A 31 3.54 5.82 -12.06
C LYS A 31 2.41 4.89 -12.50
N TYR A 32 2.55 3.62 -12.16
CA TYR A 32 1.50 2.67 -12.53
C TYR A 32 0.21 3.01 -11.79
N CYS A 33 0.29 3.25 -10.49
CA CYS A 33 -0.95 3.62 -9.78
C CYS A 33 -1.56 4.90 -10.39
N THR A 34 -0.72 5.87 -10.72
CA THR A 34 -1.21 7.09 -11.34
C THR A 34 -1.94 6.80 -12.65
N SER A 35 -1.44 5.83 -13.42
CA SER A 35 -2.08 5.45 -14.68
C SER A 35 -3.47 4.85 -14.46
N LEU A 36 -3.74 4.38 -13.24
CA LEU A 36 -5.06 3.89 -12.84
C LEU A 36 -5.89 4.97 -12.15
N SER A 37 -5.47 6.23 -12.27
CA SER A 37 -6.10 7.34 -11.56
C SER A 37 -6.17 7.04 -10.07
N SER A 38 -5.11 6.43 -9.57
CA SER A 38 -5.02 5.96 -8.19
C SER A 38 -3.71 6.44 -7.62
N LYS A 39 -3.40 6.04 -6.40
CA LYS A 39 -2.16 6.41 -5.74
C LYS A 39 -1.63 5.20 -5.00
N LEU A 40 -0.36 5.22 -4.64
CA LEU A 40 0.15 4.18 -3.75
C LEU A 40 -0.66 4.16 -2.47
N ALA A 41 -0.96 2.97 -2.00
CA ALA A 41 -1.83 2.83 -0.84
C ALA A 41 -1.21 3.47 0.40
N ALA A 42 -2.06 4.15 1.18
CA ALA A 42 -1.62 4.95 2.30
C ALA A 42 -2.04 4.31 3.61
N PHE A 43 -1.07 4.06 4.47
CA PHE A 43 -1.30 3.44 5.77
C PHE A 43 -0.54 4.18 6.87
N ASP A 44 -0.49 5.50 6.78
CA ASP A 44 0.30 6.26 7.74
C ASP A 44 -0.16 6.07 9.18
N GLU A 45 -1.47 6.03 9.40
CA GLU A 45 -2.04 5.92 10.74
C GLU A 45 -3.00 4.73 10.79
N PRO A 46 -3.13 4.11 11.97
CA PRO A 46 -2.40 4.42 13.19
C PRO A 46 -0.97 3.88 13.17
N SER A 47 -0.06 4.62 13.80
CA SER A 47 1.30 4.14 14.00
C SER A 47 1.91 4.85 15.19
N LYS A 48 2.40 4.08 16.14
CA LYS A 48 3.07 4.66 17.30
C LYS A 48 4.58 4.67 17.10
N TYR A 49 5.08 3.73 16.31
CA TYR A 49 6.51 3.63 15.99
C TYR A 49 6.65 3.47 14.50
N TYR A 50 7.84 3.77 13.99
CA TYR A 50 8.03 3.90 12.54
C TYR A 50 7.71 2.62 11.77
N TYR A 51 7.88 1.46 12.41
CA TYR A 51 7.70 0.18 11.72
C TYR A 51 6.28 -0.34 11.78
N GLU A 52 5.41 0.34 12.56
CA GLU A 52 4.05 -0.16 12.74
C GLU A 52 3.17 0.16 11.56
N VAL A 53 2.38 -0.83 11.12
CA VAL A 53 1.37 -0.57 10.10
C VAL A 53 0.13 -1.39 10.45
N SER A 54 -1.03 -0.80 10.23
CA SER A 54 -2.30 -1.48 10.46
C SER A 54 -3.04 -1.53 9.13
N LEU A 55 -3.29 -2.74 8.64
CA LEU A 55 -3.93 -2.96 7.35
C LEU A 55 -5.35 -3.44 7.55
N PRO A 56 -6.25 -3.12 6.60
CA PRO A 56 -7.59 -3.72 6.68
C PRO A 56 -7.51 -5.21 6.40
N SER A 57 -8.33 -6.01 7.10
CA SER A 57 -8.27 -7.45 6.99
CA SER A 57 -8.23 -7.45 6.99
C SER A 57 -8.46 -7.96 5.56
N GLY A 58 -9.38 -7.33 4.83
CA GLY A 58 -9.67 -7.80 3.49
C GLY A 58 -8.47 -7.72 2.58
N LEU A 59 -7.66 -6.69 2.78
CA LEU A 59 -6.42 -6.54 2.04
C LEU A 59 -5.34 -7.48 2.57
N GLU A 60 -5.13 -7.47 3.88
CA GLU A 60 -4.04 -8.23 4.49
C GLU A 60 -4.13 -9.70 4.12
N GLU A 61 -5.35 -10.24 4.11
CA GLU A 61 -5.54 -11.66 3.87
C GLU A 61 -5.22 -12.09 2.44
N LEU A 62 -5.15 -11.14 1.52
CA LEU A 62 -4.83 -11.43 0.13
C LEU A 62 -3.36 -11.19 -0.24
N LEU A 63 -2.58 -10.65 0.69
CA LEU A 63 -1.16 -10.45 0.42
C LEU A 63 -0.39 -11.76 0.53
N ASP A 64 0.64 -11.90 -0.29
CA ASP A 64 1.53 -13.05 -0.25
C ASP A 64 2.58 -12.78 0.82
N ARG A 65 2.60 -13.62 1.86
CA ARG A 65 3.50 -13.40 2.99
C ARG A 65 4.99 -13.49 2.63
N SER A 66 5.30 -14.03 1.46
CA SER A 66 6.69 -14.15 1.01
C SER A 66 7.14 -12.93 0.20
N LYS A 67 6.25 -11.95 0.01
CA LYS A 67 6.58 -10.77 -0.78
C LYS A 67 6.53 -9.51 0.08
N SER A 68 7.24 -8.48 -0.36
CA SER A 68 7.11 -7.15 0.23
C SER A 68 6.47 -6.24 -0.79
N TYR A 69 5.61 -5.34 -0.31
CA TYR A 69 4.82 -4.51 -1.22
C TYR A 69 5.14 -3.03 -1.06
N TRP A 70 5.47 -2.35 -2.15
CA TRP A 70 5.58 -0.91 -2.11
C TRP A 70 4.26 -0.26 -1.71
N ILE A 71 4.34 0.73 -0.82
CA ILE A 71 3.19 1.54 -0.41
C ILE A 71 3.63 3.01 -0.35
N GLN A 72 2.69 3.89 -0.02
CA GLN A 72 3.02 5.29 0.16
C GLN A 72 4.00 5.50 1.31
N MET A 73 5.04 6.28 1.07
CA MET A 73 5.95 6.67 2.13
C MET A 73 5.19 7.47 3.20
N SER A 74 5.48 7.17 4.47
CA SER A 74 4.85 7.87 5.58
C SER A 74 5.72 9.05 6.01
N LYS A 75 5.28 10.26 5.68
CA LYS A 75 6.12 11.43 5.93
CA LYS A 75 6.09 11.44 5.92
C LYS A 75 6.34 11.73 7.40
N LYS A 76 5.45 11.27 8.27
CA LYS A 76 5.57 11.60 9.69
C LYS A 76 6.88 11.10 10.29
N TRP A 77 7.45 10.04 9.72
CA TRP A 77 8.67 9.46 10.28
C TRP A 77 9.93 9.99 9.64
N ARG A 78 9.82 10.85 8.62
CA ARG A 78 10.99 11.38 7.90
C ARG A 78 11.28 12.82 8.28
N HIS A 79 12.53 13.11 8.59
CA HIS A 79 12.85 14.48 8.97
C HIS A 79 13.05 15.33 7.72
N GLN A 84 14.48 15.16 -0.34
CA GLN A 84 13.92 13.82 -0.47
C GLN A 84 14.91 12.76 0.00
N SER A 85 14.46 11.51 0.02
CA SER A 85 15.25 10.41 0.57
C SER A 85 15.49 9.34 -0.47
N ARG A 86 16.60 8.62 -0.36
CA ARG A 86 16.79 7.52 -1.29
C ARG A 86 16.13 6.23 -0.80
N TYR A 87 15.50 6.27 0.37
CA TYR A 87 14.76 5.10 0.84
C TYR A 87 13.28 5.34 0.69
N CYS A 88 12.60 4.28 0.33
CA CYS A 88 11.16 4.26 0.18
C CYS A 88 10.58 3.20 1.11
N ASP A 89 9.26 3.13 1.20
CA ASP A 89 8.60 2.32 2.22
C ASP A 89 7.88 1.14 1.60
N LYS A 90 8.12 -0.05 2.15
CA LYS A 90 7.39 -1.23 1.70
C LYS A 90 6.92 -1.97 2.93
N ILE A 91 5.85 -2.74 2.80
CA ILE A 91 5.42 -3.59 3.90
C ILE A 91 5.99 -5.01 3.71
N LYS A 92 6.40 -5.59 4.82
CA LYS A 92 7.03 -6.90 4.81
C LYS A 92 6.55 -7.66 6.03
N LYS A 93 6.35 -8.97 5.86
CA LYS A 93 5.77 -9.74 6.96
C LYS A 93 6.84 -10.36 7.82
N TYR A 94 6.77 -10.07 9.12
CA TYR A 94 7.65 -10.69 10.10
C TYR A 94 6.82 -11.57 11.02
N TYR A 95 7.01 -12.88 10.88
CA TYR A 95 6.25 -13.84 11.66
C TYR A 95 4.75 -13.59 11.49
N GLN A 96 4.12 -13.03 12.52
CA GLN A 96 2.67 -12.81 12.45
C GLN A 96 2.25 -11.40 12.06
N LYS A 97 3.20 -10.46 11.94
CA LYS A 97 2.84 -9.07 11.68
C LYS A 97 3.52 -8.46 10.46
N TRP A 98 2.71 -7.80 9.62
CA TRP A 98 3.25 -6.91 8.60
C TRP A 98 3.83 -5.67 9.28
N LYS A 99 4.99 -5.23 8.79
CA LYS A 99 5.67 -4.05 9.30
C LYS A 99 6.02 -3.13 8.13
N ARG A 100 6.09 -1.84 8.41
CA ARG A 100 6.68 -0.90 7.47
C ARG A 100 8.20 -1.04 7.54
N THR A 101 8.82 -1.20 6.38
CA THR A 101 10.26 -1.34 6.27
C THR A 101 10.79 -0.41 5.19
N PHE A 102 12.07 -0.11 5.27
CA PHE A 102 12.69 0.79 4.32
C PHE A 102 13.59 0.04 3.34
N SER A 103 13.60 0.49 2.08
CA SER A 103 14.44 -0.10 1.04
C SER A 103 14.85 1.00 0.09
N GLU A 104 15.98 0.84 -0.58
CA GLU A 104 16.27 1.71 -1.69
C GLU A 104 15.14 1.65 -2.70
N CYS A 105 14.77 2.81 -3.20
CA CYS A 105 13.61 2.96 -4.05
C CYS A 105 13.70 2.17 -5.35
N ALA A 106 14.91 1.84 -5.81
CA ALA A 106 15.09 1.12 -7.06
C ALA A 106 14.76 -0.36 -6.97
N GLU A 107 14.60 -0.90 -5.75
CA GLU A 107 14.31 -2.33 -5.62
C GLU A 107 13.01 -2.72 -6.29
N LEU A 108 12.96 -3.93 -6.81
CA LEU A 108 11.78 -4.43 -7.52
C LEU A 108 10.84 -5.21 -6.58
N HIS A 109 9.60 -4.73 -6.46
CA HIS A 109 8.60 -5.35 -5.60
C HIS A 109 7.23 -5.17 -6.23
N PRO A 110 6.29 -6.03 -5.86
CA PRO A 110 4.88 -5.72 -6.16
C PRO A 110 4.47 -4.49 -5.36
N SER A 111 3.25 -4.02 -5.56
CA SER A 111 2.81 -2.78 -4.93
C SER A 111 1.32 -2.83 -4.67
N ILE A 112 0.83 -1.85 -3.91
CA ILE A 112 -0.60 -1.74 -3.64
C ILE A 112 -1.01 -0.33 -3.99
N CYS A 113 -2.02 -0.19 -4.86
CA CYS A 113 -2.60 1.10 -5.18
C CYS A 113 -3.93 1.26 -4.43
N GLU A 114 -4.37 2.51 -4.30
CA GLU A 114 -5.71 2.75 -3.80
C GLU A 114 -6.38 3.85 -4.59
N SER A 115 -7.68 3.72 -4.73
CA SER A 115 -8.51 4.75 -5.31
C SER A 115 -9.66 5.02 -4.36
N GLU A 116 -10.45 6.03 -4.65
CA GLU A 116 -11.70 6.18 -3.92
C GLU A 116 -12.69 5.09 -4.33
N ALA A 117 -13.61 4.76 -3.45
CA ALA A 117 -14.76 3.94 -3.78
C ALA A 117 -15.81 4.82 -4.45
N PHE A 118 -16.74 4.23 -5.18
CA PHE A 118 -17.79 5.02 -5.78
C PHE A 118 -19.09 4.85 -5.04
N ARG A 119 -19.88 5.91 -4.93
CA ARG A 119 -21.17 5.84 -4.27
C ARG A 119 -22.21 5.27 -5.21
N PHE A 120 -23.19 4.56 -4.67
CA PHE A 120 -24.34 4.22 -5.50
C PHE A 120 -25.60 4.58 -4.73
N PRO A 121 -26.56 5.24 -5.42
CA PRO A 121 -27.69 6.00 -4.83
C PRO A 121 -28.64 5.19 -3.95
C ACT B . -17.65 8.97 -6.19
O ACT B . -18.55 8.47 -5.45
OXT ACT B . -17.11 10.02 -5.76
CH3 ACT B . -17.25 8.39 -7.51
C1 GOL C . -3.59 8.02 5.84
O1 GOL C . -2.26 7.63 5.47
C2 GOL C . -3.82 7.73 7.34
O2 GOL C . -3.54 6.39 7.54
C3 GOL C . -5.29 7.95 7.76
O3 GOL C . -5.68 9.27 7.50
#